data_3MJQ
#
_entry.id   3MJQ
#
_cell.length_a   49.609
_cell.length_b   49.609
_cell.length_c   190.990
_cell.angle_alpha   90.00
_cell.angle_beta   90.00
_cell.angle_gamma   90.00
#
_symmetry.space_group_name_H-M   'P 41 21 2'
#
loop_
_entity.id
_entity.type
_entity.pdbx_description
1 polymer 'uncharacterized protein'
2 water water
#
_entity_poly.entity_id   1
_entity_poly.type   'polypeptide(L)'
_entity_poly.pdbx_seq_one_letter_code
;(MSE)KNFLETIED(MSE)ILIINREGRLLYANTAVPKKLGYTHEEL(MSE)S(MSE)HILTITSAGK(MSE)AEGEKIL
AELFAGKKESLPLSLEKKEGTSIPAKARIWQGKWHNEPCLFAIIKDLSKEERASSPPFLEHHHHHH
;
_entity_poly.pdbx_strand_id   A,B
#
# COMPACT_ATOMS: atom_id res chain seq x y z
N LYS A 2 -0.51 -6.77 -9.88
CA LYS A 2 -1.11 -5.95 -10.98
C LYS A 2 -0.02 -5.14 -11.71
N ASN A 3 -0.34 -4.63 -12.90
CA ASN A 3 0.61 -3.82 -13.68
C ASN A 3 0.65 -2.44 -13.06
N PHE A 4 -0.40 -2.17 -12.29
CA PHE A 4 -0.57 -0.92 -11.57
C PHE A 4 0.62 -0.66 -10.65
N LEU A 5 0.74 -1.44 -9.57
CA LEU A 5 1.83 -1.36 -8.58
C LEU A 5 3.18 -1.00 -9.20
N GLU A 6 3.48 -1.58 -10.34
CA GLU A 6 4.70 -1.32 -11.10
C GLU A 6 4.93 0.20 -11.24
N THR A 7 3.82 0.95 -11.24
CA THR A 7 3.85 2.41 -11.38
C THR A 7 4.04 3.24 -10.10
N ILE A 8 4.38 2.61 -8.99
CA ILE A 8 4.60 3.33 -7.75
C ILE A 8 6.10 3.37 -7.49
N GLU A 9 6.62 4.55 -7.15
CA GLU A 9 8.06 4.69 -6.93
C GLU A 9 8.56 3.89 -5.72
N ASP A 10 7.68 3.68 -4.75
CA ASP A 10 8.06 2.92 -3.56
C ASP A 10 8.14 1.44 -3.86
N MSE A 11 9.06 0.77 -3.16
CA MSE A 11 9.28 -0.66 -3.33
C MSE A 11 8.12 -1.49 -2.75
O MSE A 11 7.71 -1.31 -1.59
CB MSE A 11 10.61 -1.07 -2.67
CG MSE A 11 11.86 -0.42 -3.26
SE MSE A 11 13.43 -0.79 -2.18
CE MSE A 11 13.17 0.58 -0.79
N ILE A 12 7.60 -2.39 -3.57
CA ILE A 12 6.50 -3.22 -3.16
C ILE A 12 6.91 -4.64 -3.40
N LEU A 13 6.72 -5.45 -2.37
CA LEU A 13 7.04 -6.86 -2.41
C LEU A 13 5.87 -7.59 -1.80
N ILE A 14 5.69 -8.83 -2.22
CA ILE A 14 4.66 -9.67 -1.64
C ILE A 14 5.53 -10.86 -1.20
N ILE A 15 5.52 -11.19 0.08
CA ILE A 15 6.37 -12.29 0.54
C ILE A 15 5.56 -13.29 1.34
N ASN A 16 5.83 -14.58 1.11
CA ASN A 16 5.11 -15.66 1.79
C ASN A 16 5.59 -15.97 3.19
N ARG A 17 4.97 -16.99 3.78
CA ARG A 17 5.30 -17.42 5.13
C ARG A 17 6.75 -17.83 5.31
N GLU A 18 7.35 -18.37 4.25
CA GLU A 18 8.74 -18.83 4.25
C GLU A 18 9.75 -17.76 3.94
N GLY A 19 9.27 -16.54 3.67
CA GLY A 19 10.17 -15.45 3.39
C GLY A 19 10.62 -15.34 1.95
N ARG A 20 9.92 -16.03 1.05
CA ARG A 20 10.29 -15.94 -0.35
C ARG A 20 9.53 -14.79 -1.03
N LEU A 21 10.17 -14.19 -2.03
CA LEU A 21 9.58 -13.07 -2.75
C LEU A 21 8.64 -13.46 -3.88
N LEU A 22 7.35 -13.52 -3.57
CA LEU A 22 6.33 -13.85 -4.55
C LEU A 22 6.22 -12.77 -5.63
N TYR A 23 6.26 -11.51 -5.20
CA TYR A 23 6.18 -10.37 -6.13
C TYR A 23 7.06 -9.18 -5.75
N ALA A 24 7.51 -8.45 -6.76
CA ALA A 24 8.34 -7.27 -6.56
C ALA A 24 8.21 -6.39 -7.78
N ASN A 25 8.40 -5.09 -7.61
CA ASN A 25 8.28 -4.16 -8.71
C ASN A 25 9.60 -3.55 -9.13
N THR A 26 9.62 -2.98 -10.33
CA THR A 26 10.82 -2.38 -10.90
C THR A 26 11.63 -1.60 -9.85
N ALA A 27 10.91 -1.00 -8.91
CA ALA A 27 11.48 -0.18 -7.86
C ALA A 27 12.52 -0.94 -7.04
N VAL A 28 12.26 -2.21 -6.77
CA VAL A 28 13.18 -3.01 -5.97
C VAL A 28 14.49 -3.21 -6.73
N PRO A 29 14.45 -3.83 -7.91
CA PRO A 29 15.71 -4.03 -8.65
C PRO A 29 16.45 -2.72 -8.74
N LYS A 30 15.74 -1.72 -9.23
CA LYS A 30 16.28 -0.38 -9.39
C LYS A 30 17.03 0.12 -8.16
N LYS A 31 16.37 0.19 -7.00
CA LYS A 31 16.97 0.69 -5.76
C LYS A 31 17.96 -0.23 -5.01
N LEU A 32 17.70 -1.52 -5.02
CA LEU A 32 18.55 -2.47 -4.32
C LEU A 32 19.76 -2.99 -5.12
N GLY A 33 19.81 -2.67 -6.40
CA GLY A 33 20.93 -3.11 -7.21
C GLY A 33 20.92 -4.58 -7.61
N TYR A 34 19.84 -5.28 -7.26
CA TYR A 34 19.66 -6.69 -7.62
C TYR A 34 18.65 -6.79 -8.75
N THR A 35 18.62 -7.96 -9.38
CA THR A 35 17.72 -8.23 -10.47
C THR A 35 16.44 -9.00 -10.10
N HIS A 36 15.45 -8.90 -10.99
CA HIS A 36 14.17 -9.55 -10.77
C HIS A 36 14.35 -11.07 -10.76
N GLU A 37 15.19 -11.55 -11.65
CA GLU A 37 15.46 -12.98 -11.71
C GLU A 37 16.02 -13.33 -10.35
N GLU A 38 17.14 -12.71 -10.01
CA GLU A 38 17.81 -12.92 -8.74
C GLU A 38 16.79 -12.81 -7.63
N LEU A 39 16.12 -11.66 -7.60
CA LEU A 39 15.09 -11.36 -6.63
C LEU A 39 14.07 -12.47 -6.39
N MSE A 40 13.64 -13.15 -7.44
CA MSE A 40 12.65 -14.21 -7.28
C MSE A 40 13.15 -15.44 -6.54
O MSE A 40 12.37 -16.19 -5.94
CB MSE A 40 12.07 -14.58 -8.65
CG MSE A 40 11.18 -13.49 -9.25
SE MSE A 40 9.76 -12.92 -8.04
CE MSE A 40 10.58 -11.34 -7.30
N SER A 41 14.45 -15.65 -6.55
CA SER A 41 15.04 -16.80 -5.88
C SER A 41 15.44 -16.48 -4.45
N MSE A 42 15.91 -15.27 -4.22
CA MSE A 42 16.34 -14.82 -2.91
C MSE A 42 15.32 -14.98 -1.81
O MSE A 42 14.14 -15.21 -2.06
CB MSE A 42 16.76 -13.35 -2.98
CG MSE A 42 17.70 -13.05 -4.12
SE MSE A 42 18.73 -11.43 -3.86
CE MSE A 42 19.21 -11.05 -5.67
N HIS A 43 15.79 -14.85 -0.56
CA HIS A 43 14.96 -14.93 0.62
C HIS A 43 14.97 -13.51 1.20
N ILE A 44 13.82 -13.02 1.65
CA ILE A 44 13.73 -11.66 2.19
C ILE A 44 14.80 -11.33 3.23
N LEU A 45 15.06 -12.29 4.12
CA LEU A 45 16.06 -12.09 5.16
C LEU A 45 17.48 -11.84 4.64
N THR A 46 17.75 -12.21 3.39
CA THR A 46 19.08 -12.00 2.81
C THR A 46 19.31 -10.52 2.58
N ILE A 47 18.19 -9.81 2.41
CA ILE A 47 18.17 -8.38 2.17
C ILE A 47 17.97 -7.55 3.45
N THR A 48 17.20 -8.10 4.38
CA THR A 48 16.90 -7.42 5.62
C THR A 48 17.78 -7.80 6.82
N SER A 49 18.14 -9.08 6.93
CA SER A 49 18.94 -9.55 8.07
C SER A 49 20.22 -10.35 7.76
N ALA A 50 20.94 -9.94 6.72
CA ALA A 50 22.17 -10.62 6.30
C ALA A 50 23.05 -11.23 7.42
N GLY A 51 23.26 -10.49 8.50
CA GLY A 51 24.10 -11.04 9.54
C GLY A 51 23.34 -11.57 10.73
N LYS A 52 22.02 -11.40 10.71
CA LYS A 52 21.21 -11.85 11.83
C LYS A 52 19.94 -12.57 11.38
N MSE A 53 20.12 -13.77 10.78
CA MSE A 53 18.99 -14.56 10.27
C MSE A 53 17.99 -14.98 11.32
O MSE A 53 16.80 -15.06 11.03
CB MSE A 53 19.49 -15.82 9.58
CG MSE A 53 20.40 -15.59 8.39
SE MSE A 53 19.64 -14.41 7.09
CE MSE A 53 21.23 -13.54 6.60
N ALA A 54 18.49 -15.27 12.51
CA ALA A 54 17.65 -15.71 13.63
C ALA A 54 16.74 -14.60 14.14
N GLU A 55 17.29 -13.43 14.38
CA GLU A 55 16.46 -12.33 14.85
C GLU A 55 15.56 -11.88 13.70
N GLY A 56 16.05 -12.06 12.48
CA GLY A 56 15.26 -11.67 11.34
C GLY A 56 14.17 -12.69 11.11
N GLU A 57 14.44 -13.95 11.44
CA GLU A 57 13.43 -14.99 11.25
C GLU A 57 12.29 -14.88 12.27
N LYS A 58 12.57 -14.22 13.40
CA LYS A 58 11.57 -14.04 14.44
C LYS A 58 10.65 -12.90 14.10
N ILE A 59 11.22 -11.78 13.67
CA ILE A 59 10.41 -10.62 13.31
C ILE A 59 9.39 -11.03 12.27
N LEU A 60 9.89 -11.67 11.22
CA LEU A 60 9.04 -12.14 10.13
C LEU A 60 7.93 -12.99 10.72
N ALA A 61 8.26 -13.74 11.75
CA ALA A 61 7.30 -14.59 12.42
C ALA A 61 6.20 -13.72 13.03
N GLU A 62 6.58 -12.67 13.76
CA GLU A 62 5.63 -11.77 14.38
C GLU A 62 4.74 -11.06 13.35
N LEU A 63 5.37 -10.59 12.28
CA LEU A 63 4.65 -9.88 11.22
C LEU A 63 3.43 -10.62 10.73
N PHE A 64 3.56 -11.94 10.58
CA PHE A 64 2.45 -12.77 10.13
C PHE A 64 1.42 -12.92 11.24
N ALA A 65 1.89 -12.96 12.49
CA ALA A 65 1.02 -13.09 13.65
C ALA A 65 0.12 -11.87 13.75
N GLY A 66 0.60 -10.74 13.23
CA GLY A 66 -0.16 -9.50 13.26
C GLY A 66 0.47 -8.52 14.22
N LYS A 67 1.54 -8.97 14.86
CA LYS A 67 2.25 -8.16 15.83
C LYS A 67 2.44 -6.70 15.41
N LYS A 68 3.05 -6.47 14.26
CA LYS A 68 3.29 -5.09 13.82
C LYS A 68 2.71 -4.77 12.44
N GLU A 69 2.52 -3.48 12.18
CA GLU A 69 1.97 -2.99 10.91
C GLU A 69 3.02 -2.24 10.09
N SER A 70 4.14 -1.92 10.74
CA SER A 70 5.25 -1.21 10.10
C SER A 70 6.51 -1.35 10.94
N LEU A 71 7.67 -1.40 10.27
CA LEU A 71 8.93 -1.50 10.98
C LEU A 71 10.00 -0.89 10.12
N PRO A 72 11.01 -0.31 10.75
CA PRO A 72 12.12 0.30 10.02
C PRO A 72 13.00 -0.83 9.48
N LEU A 73 13.79 -0.54 8.44
CA LEU A 73 14.62 -1.57 7.86
C LEU A 73 15.91 -1.01 7.35
N SER A 74 16.83 -1.93 7.04
CA SER A 74 18.12 -1.61 6.48
C SER A 74 18.17 -2.58 5.32
N LEU A 75 18.00 -2.06 4.12
CA LEU A 75 18.02 -2.88 2.94
C LEU A 75 19.44 -2.91 2.42
N GLU A 76 20.00 -4.10 2.28
CA GLU A 76 21.37 -4.24 1.80
C GLU A 76 21.36 -4.36 0.29
N LYS A 77 22.02 -3.43 -0.37
CA LYS A 77 22.10 -3.42 -1.82
C LYS A 77 23.17 -4.38 -2.31
N LYS A 78 22.99 -4.94 -3.51
CA LYS A 78 23.95 -5.86 -4.11
C LYS A 78 25.36 -5.36 -3.80
N GLU A 79 25.46 -4.04 -3.76
CA GLU A 79 26.69 -3.32 -3.49
C GLU A 79 27.33 -3.77 -2.18
N GLY A 80 26.48 -4.18 -1.24
CA GLY A 80 26.97 -4.63 0.06
C GLY A 80 26.60 -3.60 1.11
N THR A 81 26.20 -2.43 0.64
CA THR A 81 25.83 -1.30 1.50
C THR A 81 24.34 -1.31 1.83
N SER A 82 23.98 -0.73 2.97
CA SER A 82 22.58 -0.70 3.36
C SER A 82 21.99 0.70 3.30
N ILE A 83 20.67 0.73 3.15
CA ILE A 83 19.90 1.96 3.07
C ILE A 83 18.76 1.89 4.10
N PRO A 84 18.52 3.00 4.82
CA PRO A 84 17.45 3.04 5.82
C PRO A 84 16.10 3.05 5.13
N ALA A 85 15.18 2.23 5.62
CA ALA A 85 13.87 2.18 5.02
C ALA A 85 12.85 2.01 6.10
N LYS A 86 11.60 2.24 5.69
CA LYS A 86 10.45 2.07 6.55
C LYS A 86 9.49 1.25 5.71
N ALA A 87 9.05 0.14 6.28
CA ALA A 87 8.14 -0.72 5.55
C ALA A 87 6.80 -0.82 6.23
N ARG A 88 5.73 -0.67 5.45
CA ARG A 88 4.39 -0.81 5.95
C ARG A 88 3.90 -2.13 5.37
N ILE A 89 3.31 -2.96 6.23
CA ILE A 89 2.83 -4.26 5.79
C ILE A 89 1.35 -4.54 6.04
N TRP A 90 0.76 -5.31 5.14
CA TRP A 90 -0.64 -5.71 5.18
C TRP A 90 -0.68 -7.19 4.95
N GLN A 91 -1.53 -7.87 5.71
CA GLN A 91 -1.67 -9.30 5.58
C GLN A 91 -2.66 -9.63 4.50
N GLY A 92 -2.17 -10.25 3.44
CA GLY A 92 -3.02 -10.63 2.34
C GLY A 92 -2.84 -12.12 2.06
N LYS A 93 -3.22 -12.56 0.87
CA LYS A 93 -3.08 -13.96 0.45
C LYS A 93 -2.85 -13.89 -1.04
N TRP A 94 -1.79 -14.52 -1.54
CA TRP A 94 -1.52 -14.37 -2.97
C TRP A 94 -2.61 -15.01 -3.76
N HIS A 95 -2.53 -16.32 -3.89
CA HIS A 95 -3.59 -17.02 -4.54
C HIS A 95 -4.31 -17.73 -3.41
N ASN A 96 -3.60 -18.68 -2.78
CA ASN A 96 -4.17 -19.42 -1.64
C ASN A 96 -3.60 -19.31 -0.20
N GLU A 97 -2.33 -18.95 -0.07
CA GLU A 97 -1.68 -18.97 1.24
C GLU A 97 -1.32 -17.64 1.85
N PRO A 98 -1.39 -17.57 3.18
CA PRO A 98 -1.10 -16.35 3.94
C PRO A 98 0.25 -15.80 3.53
N CYS A 99 0.29 -14.49 3.28
CA CYS A 99 1.53 -13.81 2.90
C CYS A 99 1.50 -12.35 3.35
N LEU A 100 2.60 -11.64 3.15
CA LEU A 100 2.67 -10.24 3.55
C LEU A 100 2.77 -9.32 2.35
N PHE A 101 2.01 -8.23 2.38
CA PHE A 101 2.03 -7.23 1.32
C PHE A 101 2.80 -6.05 1.89
N ALA A 102 3.92 -5.71 1.28
CA ALA A 102 4.74 -4.64 1.81
C ALA A 102 5.07 -3.52 0.84
N ILE A 103 4.92 -2.30 1.35
CA ILE A 103 5.23 -1.11 0.59
C ILE A 103 6.35 -0.47 1.43
N ILE A 104 7.52 -0.33 0.82
CA ILE A 104 8.68 0.20 1.50
C ILE A 104 9.18 1.55 1.04
N LYS A 105 9.32 2.47 2.00
CA LYS A 105 9.81 3.83 1.74
C LYS A 105 11.31 3.99 2.03
N ASP A 106 12.07 4.39 1.01
CA ASP A 106 13.49 4.59 1.18
C ASP A 106 13.64 5.86 2.03
N LEU A 107 14.21 5.70 3.23
CA LEU A 107 14.38 6.86 4.11
C LEU A 107 15.73 7.54 3.92
N SER A 108 16.19 7.64 2.67
CA SER A 108 17.49 8.25 2.35
C SER A 108 17.62 9.79 2.44
N LYS B 2 -3.81 -8.36 -8.59
CA LYS B 2 -5.12 -8.46 -9.32
C LYS B 2 -6.29 -8.68 -8.35
N ASN B 3 -6.71 -9.94 -8.21
CA ASN B 3 -7.80 -10.30 -7.31
C ASN B 3 -7.13 -10.35 -5.94
N PHE B 4 -5.94 -9.78 -5.91
CA PHE B 4 -5.12 -9.72 -4.72
C PHE B 4 -5.60 -8.70 -3.67
N LEU B 5 -5.49 -7.41 -3.99
CA LEU B 5 -5.90 -6.32 -3.09
C LEU B 5 -7.25 -6.66 -2.48
N GLU B 6 -8.02 -7.47 -3.22
CA GLU B 6 -9.34 -7.88 -2.78
C GLU B 6 -9.22 -8.63 -1.48
N THR B 7 -8.02 -9.13 -1.20
CA THR B 7 -7.76 -9.90 0.01
C THR B 7 -7.24 -9.12 1.22
N ILE B 8 -7.10 -7.80 1.09
CA ILE B 8 -6.62 -7.00 2.21
C ILE B 8 -7.81 -6.41 2.96
N GLU B 9 -7.78 -6.56 4.28
CA GLU B 9 -8.87 -6.10 5.15
C GLU B 9 -9.04 -4.59 5.16
N ASP B 10 -7.96 -3.85 4.93
CA ASP B 10 -8.04 -2.41 4.92
C ASP B 10 -8.72 -1.93 3.63
N MSE B 11 -9.29 -0.73 3.66
CA MSE B 11 -9.95 -0.20 2.47
C MSE B 11 -8.90 0.31 1.48
O MSE B 11 -7.93 0.95 1.86
CB MSE B 11 -10.90 0.95 2.84
CG MSE B 11 -12.08 0.58 3.72
SE MSE B 11 -13.10 2.15 4.22
CE MSE B 11 -12.02 2.76 5.68
N ILE B 12 -9.13 0.02 0.21
CA ILE B 12 -8.21 0.43 -0.84
C ILE B 12 -8.96 1.13 -2.00
N LEU B 13 -8.42 2.27 -2.42
CA LEU B 13 -9.00 3.08 -3.50
C LEU B 13 -7.95 3.59 -4.48
N ILE B 14 -8.30 3.61 -5.77
CA ILE B 14 -7.43 4.22 -6.77
C ILE B 14 -8.28 5.44 -7.17
N ILE B 15 -7.71 6.62 -7.05
CA ILE B 15 -8.43 7.86 -7.33
C ILE B 15 -7.74 8.66 -8.44
N ASN B 16 -8.49 9.27 -9.35
CA ASN B 16 -7.82 10.08 -10.38
C ASN B 16 -7.74 11.55 -9.98
N ARG B 17 -7.03 12.35 -10.77
CA ARG B 17 -6.84 13.75 -10.44
C ARG B 17 -8.09 14.56 -10.17
N GLU B 18 -9.22 14.11 -10.70
CA GLU B 18 -10.49 14.81 -10.51
C GLU B 18 -11.29 14.36 -9.29
N GLY B 19 -10.79 13.35 -8.59
CA GLY B 19 -11.50 12.88 -7.42
C GLY B 19 -12.38 11.69 -7.71
N ARG B 20 -12.23 11.13 -8.90
CA ARG B 20 -13.01 9.97 -9.31
C ARG B 20 -12.38 8.63 -8.94
N LEU B 21 -13.20 7.71 -8.44
CA LEU B 21 -12.73 6.38 -8.05
C LEU B 21 -12.57 5.41 -9.23
N LEU B 22 -11.33 5.12 -9.61
CA LEU B 22 -11.07 4.21 -10.74
C LEU B 22 -11.06 2.78 -10.23
N TYR B 23 -11.15 2.64 -8.92
CA TYR B 23 -11.11 1.31 -8.34
C TYR B 23 -11.34 1.36 -6.86
N ALA B 24 -11.84 0.26 -6.33
CA ALA B 24 -12.10 0.14 -4.91
C ALA B 24 -12.27 -1.35 -4.74
N ASN B 25 -11.97 -1.85 -3.55
CA ASN B 25 -12.10 -3.27 -3.30
C ASN B 25 -13.23 -3.61 -2.34
N THR B 26 -13.53 -4.90 -2.25
CA THR B 26 -14.59 -5.42 -1.41
C THR B 26 -14.82 -4.69 -0.08
N ALA B 27 -13.76 -4.15 0.50
CA ALA B 27 -13.85 -3.48 1.79
C ALA B 27 -14.52 -2.09 1.83
N VAL B 28 -14.34 -1.28 0.80
CA VAL B 28 -14.93 0.06 0.80
C VAL B 28 -16.45 0.05 0.84
N PRO B 29 -17.09 -0.81 0.02
CA PRO B 29 -18.55 -0.86 0.04
C PRO B 29 -19.00 -1.39 1.40
N LYS B 30 -18.41 -2.50 1.81
CA LYS B 30 -18.73 -3.13 3.08
C LYS B 30 -18.75 -2.12 4.23
N LYS B 31 -17.62 -1.46 4.46
CA LYS B 31 -17.52 -0.50 5.56
C LYS B 31 -18.29 0.81 5.38
N LEU B 32 -18.62 1.16 4.13
CA LEU B 32 -19.33 2.41 3.85
C LEU B 32 -20.84 2.28 3.58
N GLY B 33 -21.31 1.04 3.40
CA GLY B 33 -22.72 0.82 3.13
C GLY B 33 -23.11 1.02 1.68
N TYR B 34 -22.23 1.68 0.92
CA TYR B 34 -22.48 1.94 -0.49
C TYR B 34 -22.25 0.68 -1.30
N THR B 35 -22.39 0.80 -2.61
CA THR B 35 -22.25 -0.33 -3.50
C THR B 35 -21.15 -0.10 -4.48
N HIS B 36 -20.57 -1.19 -5.00
CA HIS B 36 -19.49 -1.05 -5.96
C HIS B 36 -20.01 -0.28 -7.14
N GLU B 37 -21.25 -0.56 -7.53
CA GLU B 37 -21.87 0.13 -8.65
C GLU B 37 -21.90 1.63 -8.37
N GLU B 38 -22.35 2.00 -7.19
CA GLU B 38 -22.45 3.40 -6.79
C GLU B 38 -21.08 4.04 -6.61
N LEU B 39 -20.27 3.48 -5.71
CA LEU B 39 -18.95 4.01 -5.45
C LEU B 39 -18.25 4.37 -6.77
N MSE B 40 -18.24 3.46 -7.72
CA MSE B 40 -17.57 3.72 -9.00
C MSE B 40 -18.07 4.95 -9.78
O MSE B 40 -17.53 5.29 -10.84
CB MSE B 40 -17.61 2.49 -9.92
CG MSE B 40 -16.67 1.34 -9.54
SE MSE B 40 -14.91 1.93 -8.97
CE MSE B 40 -15.35 2.01 -7.09
N SER B 41 -19.09 5.62 -9.26
CA SER B 41 -19.65 6.78 -9.94
C SER B 41 -19.56 8.04 -9.09
N MSE B 42 -19.30 7.85 -7.80
CA MSE B 42 -19.19 8.96 -6.87
C MSE B 42 -17.82 9.67 -6.94
O MSE B 42 -16.87 9.17 -7.54
CB MSE B 42 -19.45 8.47 -5.45
CG MSE B 42 -20.90 8.14 -5.19
SE MSE B 42 -21.22 7.59 -3.40
CE MSE B 42 -21.33 5.72 -3.72
N HIS B 43 -17.75 10.83 -6.32
CA HIS B 43 -16.54 11.64 -6.25
C HIS B 43 -15.98 11.40 -4.84
N ILE B 44 -14.66 11.29 -4.70
CA ILE B 44 -14.05 11.05 -3.40
C ILE B 44 -14.43 12.13 -2.37
N LEU B 45 -14.54 13.36 -2.84
CA LEU B 45 -14.88 14.48 -1.97
C LEU B 45 -16.24 14.34 -1.32
N THR B 46 -17.14 13.64 -2.00
CA THR B 46 -18.49 13.41 -1.47
C THR B 46 -18.43 12.57 -0.19
N ILE B 47 -17.56 11.56 -0.19
CA ILE B 47 -17.39 10.66 0.96
C ILE B 47 -16.57 11.33 2.06
N THR B 48 -15.69 12.25 1.67
CA THR B 48 -14.83 12.89 2.65
C THR B 48 -15.14 14.33 3.01
N SER B 49 -15.18 15.22 2.03
CA SER B 49 -15.45 16.62 2.31
C SER B 49 -16.87 17.02 1.93
N ALA B 50 -17.81 16.10 2.11
CA ALA B 50 -19.22 16.34 1.77
C ALA B 50 -19.71 17.72 2.17
N GLY B 51 -19.11 18.31 3.21
CA GLY B 51 -19.51 19.63 3.64
C GLY B 51 -18.53 20.68 3.16
N LYS B 52 -17.28 20.28 3.00
CA LYS B 52 -16.26 21.21 2.58
C LYS B 52 -15.65 20.84 1.23
N MSE B 53 -16.42 21.00 0.15
CA MSE B 53 -15.92 20.68 -1.18
C MSE B 53 -14.64 21.41 -1.52
O MSE B 53 -13.66 20.80 -1.93
CB MSE B 53 -16.97 21.00 -2.24
CG MSE B 53 -18.19 20.10 -2.19
SE MSE B 53 -17.68 18.25 -2.20
CE MSE B 53 -19.29 17.47 -1.50
N ALA B 54 -14.66 22.73 -1.40
CA ALA B 54 -13.46 23.52 -1.70
C ALA B 54 -12.27 23.08 -0.83
N GLU B 55 -12.53 22.88 0.46
CA GLU B 55 -11.49 22.44 1.39
C GLU B 55 -10.86 21.16 0.88
N GLY B 56 -11.71 20.15 0.65
CA GLY B 56 -11.25 18.87 0.18
C GLY B 56 -10.51 18.88 -1.14
N GLU B 57 -10.95 19.73 -2.06
CA GLU B 57 -10.31 19.80 -3.36
C GLU B 57 -8.86 20.26 -3.21
N LYS B 58 -8.64 21.27 -2.38
CA LYS B 58 -7.31 21.80 -2.14
C LYS B 58 -6.38 20.71 -1.62
N ILE B 59 -6.88 19.92 -0.69
CA ILE B 59 -6.11 18.83 -0.11
C ILE B 59 -5.79 17.77 -1.16
N LEU B 60 -6.81 17.38 -1.92
CA LEU B 60 -6.64 16.38 -2.98
C LEU B 60 -5.54 16.86 -3.91
N ALA B 61 -5.57 18.14 -4.25
CA ALA B 61 -4.55 18.71 -5.12
C ALA B 61 -3.17 18.49 -4.49
N GLU B 62 -3.09 18.73 -3.18
CA GLU B 62 -1.86 18.55 -2.43
C GLU B 62 -1.38 17.11 -2.42
N LEU B 63 -2.31 16.17 -2.27
CA LEU B 63 -1.96 14.75 -2.29
C LEU B 63 -1.36 14.38 -3.63
N PHE B 64 -1.74 15.11 -4.68
CA PHE B 64 -1.20 14.86 -6.01
C PHE B 64 0.16 15.50 -6.17
N ALA B 65 0.45 16.54 -5.39
CA ALA B 65 1.75 17.19 -5.47
C ALA B 65 2.76 16.30 -4.75
N GLY B 66 2.57 16.12 -3.46
CA GLY B 66 3.46 15.29 -2.67
C GLY B 66 3.48 15.81 -1.24
N LYS B 67 3.02 17.04 -1.08
CA LYS B 67 2.97 17.68 0.22
C LYS B 67 2.64 16.68 1.34
N LYS B 68 1.76 15.71 1.09
CA LYS B 68 1.40 14.75 2.14
C LYS B 68 1.37 13.31 1.65
N GLU B 69 1.65 12.37 2.55
CA GLU B 69 1.64 10.96 2.23
C GLU B 69 0.56 10.29 3.04
N SER B 70 0.15 10.96 4.11
CA SER B 70 -0.89 10.43 4.97
C SER B 70 -1.76 11.55 5.53
N LEU B 71 -2.96 11.20 5.96
CA LEU B 71 -3.90 12.16 6.52
C LEU B 71 -5.06 11.42 7.16
N PRO B 72 -5.68 12.03 8.16
CA PRO B 72 -6.83 11.40 8.84
C PRO B 72 -8.09 11.75 8.07
N LEU B 73 -9.07 10.85 8.08
CA LEU B 73 -10.32 11.08 7.36
C LEU B 73 -11.57 10.74 8.17
N SER B 74 -12.71 11.16 7.63
CA SER B 74 -14.02 10.90 8.23
C SER B 74 -14.83 10.47 7.02
N LEU B 75 -15.22 9.19 6.99
CA LEU B 75 -15.97 8.68 5.85
C LEU B 75 -17.47 8.57 6.11
N GLU B 76 -18.24 9.50 5.54
CA GLU B 76 -19.69 9.46 5.70
C GLU B 76 -20.23 8.27 4.92
N LYS B 77 -20.97 7.39 5.58
CA LYS B 77 -21.54 6.22 4.93
C LYS B 77 -22.88 6.59 4.29
N LYS B 78 -23.41 5.70 3.45
CA LYS B 78 -24.71 5.97 2.82
C LYS B 78 -25.68 6.21 3.97
N GLU B 79 -25.40 5.53 5.09
CA GLU B 79 -26.19 5.62 6.32
C GLU B 79 -26.20 7.06 6.84
N GLY B 80 -25.09 7.77 6.66
CA GLY B 80 -25.01 9.14 7.13
C GLY B 80 -23.96 9.37 8.20
N THR B 81 -23.73 8.36 9.04
CA THR B 81 -22.74 8.46 10.11
C THR B 81 -21.30 8.25 9.63
N SER B 82 -20.42 9.15 10.06
CA SER B 82 -19.02 9.08 9.67
C SER B 82 -18.18 8.18 10.56
N ILE B 83 -17.23 7.49 9.94
CA ILE B 83 -16.32 6.60 10.64
C ILE B 83 -14.97 7.25 10.52
N PRO B 84 -14.27 7.45 11.65
CA PRO B 84 -12.95 8.07 11.58
C PRO B 84 -11.97 7.09 10.96
N ALA B 85 -10.94 7.60 10.29
CA ALA B 85 -9.97 6.73 9.65
C ALA B 85 -8.68 7.46 9.33
N LYS B 86 -7.71 6.71 8.83
CA LYS B 86 -6.44 7.27 8.42
C LYS B 86 -6.14 6.72 7.03
N ALA B 87 -5.72 7.61 6.14
CA ALA B 87 -5.42 7.22 4.79
C ALA B 87 -3.94 7.30 4.50
N ARG B 88 -3.42 6.28 3.84
CA ARG B 88 -2.01 6.25 3.46
C ARG B 88 -2.05 6.31 1.94
N ILE B 89 -1.43 7.32 1.36
CA ILE B 89 -1.50 7.44 -0.09
C ILE B 89 -0.17 7.38 -0.84
N TRP B 90 -0.24 6.82 -2.05
CA TRP B 90 0.91 6.68 -2.93
C TRP B 90 0.51 7.15 -4.32
N GLN B 91 1.45 7.76 -5.04
CA GLN B 91 1.17 8.22 -6.37
C GLN B 91 1.54 7.13 -7.34
N GLY B 92 0.74 6.98 -8.39
CA GLY B 92 0.97 5.98 -9.41
C GLY B 92 0.28 6.41 -10.68
N LYS B 93 0.20 5.52 -11.66
CA LYS B 93 -0.46 5.84 -12.91
C LYS B 93 -1.52 4.82 -13.30
N TRP B 94 -2.61 5.33 -13.84
CA TRP B 94 -3.72 4.51 -14.29
C TRP B 94 -3.99 4.97 -15.73
N HIS B 95 -3.91 4.03 -16.67
CA HIS B 95 -4.12 4.35 -18.07
C HIS B 95 -3.19 5.44 -18.55
N ASN B 96 -2.01 5.50 -17.94
CA ASN B 96 -1.00 6.47 -18.29
C ASN B 96 -1.34 7.86 -17.80
N GLU B 97 -2.30 7.96 -16.90
CA GLU B 97 -2.68 9.23 -16.31
C GLU B 97 -2.50 9.11 -14.80
N PRO B 98 -2.04 10.20 -14.16
CA PRO B 98 -1.80 10.30 -12.71
C PRO B 98 -2.93 9.93 -11.78
N CYS B 99 -2.65 9.04 -10.85
CA CYS B 99 -3.68 8.66 -9.91
C CYS B 99 -3.07 8.49 -8.51
N LEU B 100 -3.94 8.46 -7.51
CA LEU B 100 -3.55 8.26 -6.12
C LEU B 100 -3.95 6.84 -5.70
N PHE B 101 -3.01 6.14 -5.06
CA PHE B 101 -3.27 4.79 -4.55
C PHE B 101 -3.41 4.96 -3.03
N ALA B 102 -4.56 4.61 -2.50
CA ALA B 102 -4.79 4.79 -1.08
C ALA B 102 -5.23 3.56 -0.33
N ILE B 103 -4.56 3.32 0.79
CA ILE B 103 -4.91 2.21 1.66
C ILE B 103 -5.34 2.94 2.92
N ILE B 104 -6.62 2.76 3.26
CA ILE B 104 -7.24 3.42 4.39
C ILE B 104 -7.57 2.45 5.52
N LYS B 105 -7.30 2.91 6.74
CA LYS B 105 -7.52 2.15 7.97
C LYS B 105 -8.64 2.76 8.79
N ASP B 106 -9.56 1.90 9.21
CA ASP B 106 -10.72 2.29 10.01
C ASP B 106 -10.28 2.38 11.47
N LEU B 107 -10.37 3.57 12.06
CA LEU B 107 -9.95 3.74 13.44
C LEU B 107 -11.09 3.50 14.43
#